data_2F5B
#
_entry.id   2F5B
#
_cell.length_a   58.000
_cell.length_b   65.000
_cell.length_c   175.600
_cell.angle_alpha   90.00
_cell.angle_beta   90.00
_cell.angle_gamma   90.00
#
_symmetry.space_group_name_H-M   'P 21 21 21'
#
loop_
_entity.id
_entity.type
_entity.pdbx_description
1 polymer 'PROTEIN (ANTIBODY 2F5 (LIGHT CHAIN))'
2 polymer 'PROTEIN (ANTIBODY 2F5 (HEAVY CHAIN))'
3 polymer 'PROTEIN (GP41 EPITOPE)'
4 water water
#
loop_
_entity_poly.entity_id
_entity_poly.type
_entity_poly.pdbx_seq_one_letter_code
_entity_poly.pdbx_strand_id
1 'polypeptide(L)'
;ALQLTQSPSSLSASVGDRITITCRASQGVTSALAWYRQKPGSPPQLLIYDASSLESGVPSRFSGSGSGTEFTLTISTLRP
EDFATYYCQQLHFYPHTFGGGTRVDVRRTVAAPSVFIFPPSDEQLKSGTASVVCLLNNFYPREAKVQWKVDNALQSGNSQ
ESVTEQDSKDSTYSLSSTLTLSKADYEKHKVYECEVTHQGLSSPVTKSFNRGEC
;
L
2 'polypeptide(L)'
;RITLKESGPPLVKPTQTLTLTCSFSGFSLSDFGVGVGWIRQPPGKALEWLAIIYSDDDKRYSPSLNTRLTITKDTSKNQV
VLVMTRVSPVDTATYFCAHRRGPTTLFGVPIARGPVNAMDVWGQGITVTISSTSTKGPSVFPLAPSSKSTAGGAAALGCL
VKDYFPEPVTVSWNSGALTSGVHTFPAVLQSSGLYSLSSVVTVPSSSLGTQTYTCNVNHKPSNTKVDKRVEPKSC
;
H
3 'polypeptide(L)' ELDKWAS P
#
# COMPACT_ATOMS: atom_id res chain seq x y z
N ALA A 1 1.00 21.50 9.69
CA ALA A 1 1.54 21.68 8.31
C ALA A 1 0.41 21.97 7.32
N LEU A 2 0.81 22.29 6.09
CA LEU A 2 -0.16 22.59 5.05
C LEU A 2 -0.87 21.32 4.61
N GLN A 3 -2.18 21.37 4.52
CA GLN A 3 -2.97 20.21 4.13
C GLN A 3 -3.37 20.19 2.66
N LEU A 4 -3.15 19.05 2.01
CA LEU A 4 -3.51 18.88 0.61
C LEU A 4 -4.57 17.79 0.55
N THR A 5 -5.74 18.13 0.02
CA THR A 5 -6.84 17.18 -0.10
C THR A 5 -7.15 16.93 -1.56
N GLN A 6 -7.04 15.67 -1.98
CA GLN A 6 -7.33 15.30 -3.36
C GLN A 6 -8.76 14.82 -3.45
N SER A 7 -9.36 14.94 -4.62
CA SER A 7 -10.73 14.50 -4.82
C SER A 7 -10.97 14.13 -6.28
N PRO A 8 -11.60 12.98 -6.53
CA PRO A 8 -12.07 12.07 -5.47
C PRO A 8 -10.89 11.25 -4.95
N SER A 9 -11.11 10.48 -3.89
CA SER A 9 -10.04 9.66 -3.35
C SER A 9 -9.90 8.45 -4.27
N SER A 10 -11.00 8.09 -4.92
CA SER A 10 -11.01 6.98 -5.84
C SER A 10 -11.88 7.33 -7.06
N LEU A 11 -11.48 6.87 -8.24
CA LEU A 11 -12.20 7.16 -9.46
C LEU A 11 -12.17 5.98 -10.43
N SER A 12 -13.33 5.57 -10.91
CA SER A 12 -13.39 4.46 -11.86
C SER A 12 -13.50 5.04 -13.27
N ALA A 13 -12.79 4.44 -14.22
CA ALA A 13 -12.82 4.94 -15.59
C ALA A 13 -12.58 3.85 -16.61
N SER A 14 -12.72 4.21 -17.88
CA SER A 14 -12.52 3.28 -18.98
C SER A 14 -11.55 3.91 -19.97
N VAL A 15 -10.80 3.06 -20.66
CA VAL A 15 -9.83 3.53 -21.64
C VAL A 15 -10.52 4.47 -22.63
N GLY A 16 -9.87 5.58 -22.94
CA GLY A 16 -10.43 6.55 -23.86
C GLY A 16 -11.16 7.69 -23.19
N ASP A 17 -11.51 7.54 -21.92
CA ASP A 17 -12.22 8.60 -21.22
C ASP A 17 -11.34 9.76 -20.78
N ARG A 18 -12.01 10.86 -20.43
CA ARG A 18 -11.32 12.06 -19.96
C ARG A 18 -11.64 12.14 -18.47
N ILE A 19 -10.61 12.27 -17.64
CA ILE A 19 -10.81 12.36 -16.21
C ILE A 19 -10.08 13.56 -15.63
N THR A 20 -10.57 14.05 -14.51
CA THR A 20 -9.95 15.18 -13.84
C THR A 20 -9.86 14.86 -12.36
N ILE A 21 -8.70 15.18 -11.78
CA ILE A 21 -8.45 14.97 -10.36
C ILE A 21 -8.13 16.32 -9.77
N THR A 22 -8.69 16.62 -8.61
CA THR A 22 -8.45 17.90 -7.98
C THR A 22 -7.63 17.80 -6.70
N CYS A 23 -6.87 18.85 -6.43
CA CYS A 23 -6.04 18.95 -5.24
C CYS A 23 -6.29 20.33 -4.68
N ARG A 24 -6.71 20.39 -3.43
CA ARG A 24 -6.98 21.66 -2.77
C ARG A 24 -6.05 21.83 -1.58
N ALA A 25 -5.50 23.04 -1.43
CA ALA A 25 -4.60 23.31 -0.33
C ALA A 25 -5.30 24.13 0.75
N SER A 26 -4.89 23.93 2.00
CA SER A 26 -5.49 24.65 3.12
C SER A 26 -5.02 26.11 3.14
N GLN A 27 -3.89 26.38 2.51
CA GLN A 27 -3.32 27.72 2.43
C GLN A 27 -2.80 27.85 1.00
N GLY A 28 -2.74 29.08 0.49
CA GLY A 28 -2.26 29.26 -0.87
C GLY A 28 -0.82 28.79 -1.05
N VAL A 29 -0.54 28.06 -2.13
CA VAL A 29 0.83 27.58 -2.38
C VAL A 29 1.32 28.09 -3.73
N THR A 30 0.74 29.20 -4.18
CA THR A 30 1.08 29.82 -5.46
C THR A 30 1.06 28.78 -6.60
N SER A 31 2.14 28.69 -7.37
CA SER A 31 2.18 27.71 -8.46
C SER A 31 3.09 26.53 -8.14
N ALA A 32 3.59 26.50 -6.91
CA ALA A 32 4.51 25.43 -6.49
C ALA A 32 3.80 24.11 -6.19
N LEU A 33 3.28 23.49 -7.23
CA LEU A 33 2.59 22.22 -7.10
C LEU A 33 2.97 21.26 -8.22
N ALA A 34 3.16 20.00 -7.88
CA ALA A 34 3.52 18.97 -8.84
C ALA A 34 2.54 17.79 -8.78
N TRP A 35 2.38 17.11 -9.92
CA TRP A 35 1.51 15.94 -10.02
C TRP A 35 2.34 14.73 -10.44
N TYR A 36 2.06 13.58 -9.82
CA TYR A 36 2.78 12.34 -10.11
C TYR A 36 1.79 11.20 -10.35
N ARG A 37 2.23 10.23 -11.14
CA ARG A 37 1.45 9.03 -11.41
C ARG A 37 2.26 7.89 -10.82
N GLN A 38 1.63 7.02 -10.04
CA GLN A 38 2.36 5.89 -9.48
C GLN A 38 1.67 4.61 -9.88
N LYS A 39 2.34 3.84 -10.72
CA LYS A 39 1.80 2.57 -11.18
C LYS A 39 2.08 1.58 -10.06
N PRO A 40 1.31 0.49 -9.99
CA PRO A 40 1.57 -0.49 -8.92
C PRO A 40 2.98 -1.02 -9.00
N GLY A 41 3.65 -1.10 -7.85
CA GLY A 41 5.01 -1.63 -7.79
C GLY A 41 6.14 -0.75 -8.28
N SER A 42 5.83 0.49 -8.65
CA SER A 42 6.84 1.41 -9.15
C SER A 42 6.90 2.69 -8.33
N PRO A 43 7.99 3.47 -8.52
CA PRO A 43 8.12 4.72 -7.78
C PRO A 43 7.24 5.76 -8.47
N PRO A 44 6.98 6.90 -7.82
CA PRO A 44 6.14 7.92 -8.45
C PRO A 44 6.86 8.47 -9.67
N GLN A 45 6.09 8.97 -10.64
CA GLN A 45 6.68 9.56 -11.84
C GLN A 45 6.11 10.96 -12.02
N LEU A 46 7.00 11.93 -12.19
CA LEU A 46 6.59 13.33 -12.38
C LEU A 46 5.83 13.50 -13.69
N LEU A 47 4.65 14.12 -13.60
CA LEU A 47 3.82 14.40 -14.78
C LEU A 47 3.85 15.90 -15.07
N ILE A 48 3.45 16.67 -14.07
CA ILE A 48 3.36 18.14 -14.19
C ILE A 48 4.12 18.82 -13.05
N TYR A 49 4.85 19.89 -13.37
CA TYR A 49 5.58 20.64 -12.35
C TYR A 49 5.19 22.11 -12.45
N ASP A 50 5.33 22.83 -11.34
CA ASP A 50 4.96 24.25 -11.31
C ASP A 50 3.51 24.41 -11.76
N ALA A 51 2.66 23.52 -11.27
CA ALA A 51 1.22 23.50 -11.52
C ALA A 51 0.70 23.19 -12.91
N SER A 52 1.39 23.67 -13.95
CA SER A 52 0.91 23.44 -15.31
C SER A 52 1.98 23.07 -16.33
N SER A 53 3.25 23.07 -15.95
CA SER A 53 4.29 22.72 -16.91
C SER A 53 4.38 21.22 -17.13
N LEU A 54 4.35 20.81 -18.40
CA LEU A 54 4.42 19.40 -18.74
C LEU A 54 5.87 18.94 -18.72
N GLU A 55 6.15 17.93 -17.89
CA GLU A 55 7.51 17.40 -17.78
C GLU A 55 7.96 16.74 -19.08
N SER A 56 9.20 17.00 -19.45
CA SER A 56 9.77 16.43 -20.66
C SER A 56 9.57 14.91 -20.67
N GLY A 57 9.15 14.38 -21.82
CA GLY A 57 8.95 12.95 -21.92
C GLY A 57 7.58 12.46 -21.54
N VAL A 58 6.80 13.32 -20.87
CA VAL A 58 5.46 12.93 -20.46
C VAL A 58 4.46 13.18 -21.59
N PRO A 59 3.62 12.19 -21.91
CA PRO A 59 2.63 12.35 -22.98
C PRO A 59 1.71 13.55 -22.85
N SER A 60 1.41 14.16 -23.99
CA SER A 60 0.56 15.35 -24.06
C SER A 60 -0.83 15.16 -23.47
N ARG A 61 -1.20 13.90 -23.19
CA ARG A 61 -2.51 13.58 -22.61
C ARG A 61 -2.69 14.29 -21.27
N PHE A 62 -1.59 14.44 -20.54
CA PHE A 62 -1.64 15.07 -19.23
C PHE A 62 -1.48 16.59 -19.27
N SER A 63 -2.31 17.27 -18.49
CA SER A 63 -2.24 18.71 -18.38
C SER A 63 -2.68 19.11 -16.99
N GLY A 64 -2.06 20.15 -16.45
CA GLY A 64 -2.42 20.61 -15.13
C GLY A 64 -2.74 22.09 -15.18
N SER A 65 -3.58 22.53 -14.26
CA SER A 65 -3.96 23.94 -14.21
C SER A 65 -4.31 24.30 -12.77
N GLY A 66 -4.52 25.59 -12.54
CA GLY A 66 -4.87 26.06 -11.22
C GLY A 66 -3.71 26.74 -10.51
N SER A 67 -4.01 27.39 -9.41
CA SER A 67 -3.01 28.10 -8.63
C SER A 67 -3.63 28.47 -7.29
N GLY A 68 -2.79 28.83 -6.32
CA GLY A 68 -3.30 29.20 -5.00
C GLY A 68 -3.74 28.01 -4.19
N THR A 69 -5.05 27.76 -4.11
CA THR A 69 -5.55 26.65 -3.32
C THR A 69 -6.31 25.61 -4.12
N GLU A 70 -6.43 25.82 -5.42
CA GLU A 70 -7.17 24.90 -6.27
C GLU A 70 -6.40 24.44 -7.50
N PHE A 71 -6.18 23.13 -7.59
CA PHE A 71 -5.44 22.56 -8.72
C PHE A 71 -6.13 21.35 -9.29
N THR A 72 -5.97 21.15 -10.60
CA THR A 72 -6.56 20.02 -11.29
C THR A 72 -5.61 19.37 -12.29
N LEU A 73 -5.65 18.05 -12.32
CA LEU A 73 -4.86 17.27 -13.26
C LEU A 73 -5.91 16.65 -14.17
N THR A 74 -5.72 16.75 -15.47
CA THR A 74 -6.69 16.17 -16.38
C THR A 74 -5.97 15.29 -17.39
N ILE A 75 -6.55 14.13 -17.65
CA ILE A 75 -5.99 13.21 -18.63
C ILE A 75 -7.04 13.15 -19.73
N SER A 76 -6.63 13.51 -20.94
CA SER A 76 -7.56 13.46 -22.06
C SER A 76 -7.33 12.10 -22.70
N THR A 77 -8.37 11.29 -22.80
CA THR A 77 -8.21 9.97 -23.40
C THR A 77 -7.32 9.10 -22.52
N LEU A 78 -7.92 8.50 -21.50
CA LEU A 78 -7.22 7.64 -20.58
C LEU A 78 -6.65 6.43 -21.30
N ARG A 79 -5.43 6.03 -20.94
CA ARG A 79 -4.79 4.87 -21.55
C ARG A 79 -4.65 3.77 -20.50
N PRO A 80 -4.42 2.52 -20.93
CA PRO A 80 -4.28 1.40 -19.98
C PRO A 80 -3.25 1.62 -18.86
N GLU A 81 -2.12 2.22 -19.19
CA GLU A 81 -1.09 2.47 -18.19
C GLU A 81 -1.45 3.62 -17.24
N ASP A 82 -2.59 4.27 -17.45
CA ASP A 82 -3.02 5.36 -16.59
C ASP A 82 -3.82 4.88 -15.39
N PHE A 83 -4.14 3.59 -15.39
CA PHE A 83 -4.86 3.03 -14.25
C PHE A 83 -3.76 2.91 -13.21
N ALA A 84 -3.76 3.86 -12.28
CA ALA A 84 -2.76 3.91 -11.23
C ALA A 84 -3.22 4.87 -10.15
N THR A 85 -2.29 5.28 -9.29
CA THR A 85 -2.60 6.21 -8.22
C THR A 85 -1.87 7.51 -8.49
N TYR A 86 -2.57 8.63 -8.34
CA TYR A 86 -1.98 9.94 -8.58
C TYR A 86 -1.88 10.75 -7.31
N TYR A 87 -0.79 11.51 -7.18
CA TYR A 87 -0.57 12.35 -6.01
C TYR A 87 -0.18 13.77 -6.41
N CYS A 88 -0.58 14.74 -5.60
CA CYS A 88 -0.14 16.12 -5.83
C CYS A 88 0.83 16.40 -4.71
N GLN A 89 1.76 17.30 -4.96
CA GLN A 89 2.73 17.67 -3.93
C GLN A 89 2.90 19.18 -3.97
N GLN A 90 2.95 19.74 -2.77
CA GLN A 90 3.08 21.17 -2.53
C GLN A 90 4.54 21.46 -2.15
N LEU A 91 5.17 22.42 -2.83
CA LEU A 91 6.57 22.77 -2.53
C LEU A 91 6.81 24.27 -2.23
N HIS A 92 5.77 24.94 -1.77
CA HIS A 92 5.84 26.35 -1.42
C HIS A 92 6.21 26.53 0.06
N PHE A 93 5.82 25.57 0.88
CA PHE A 93 6.12 25.61 2.31
C PHE A 93 6.78 24.31 2.75
N TYR A 94 7.60 24.41 3.80
CA TYR A 94 8.23 23.24 4.39
C TYR A 94 7.29 22.88 5.54
N PRO A 95 6.95 21.59 5.69
CA PRO A 95 7.37 20.45 4.85
C PRO A 95 6.63 20.42 3.52
N HIS A 96 7.26 19.82 2.51
CA HIS A 96 6.70 19.69 1.15
C HIS A 96 5.68 18.54 1.07
N THR A 97 4.54 18.75 1.71
CA THR A 97 3.48 17.75 1.79
C THR A 97 2.85 17.21 0.51
N PHE A 98 2.34 15.98 0.62
CA PHE A 98 1.68 15.28 -0.48
C PHE A 98 0.20 15.12 -0.18
N GLY A 99 -0.58 14.93 -1.23
CA GLY A 99 -2.00 14.70 -1.07
C GLY A 99 -2.16 13.24 -0.68
N GLY A 100 -3.38 12.85 -0.32
CA GLY A 100 -3.64 11.47 0.09
C GLY A 100 -3.70 10.52 -1.08
N GLY A 101 -3.71 11.06 -2.30
CA GLY A 101 -3.74 10.23 -3.48
C GLY A 101 -5.14 9.91 -3.99
N THR A 102 -5.22 9.61 -5.28
CA THR A 102 -6.49 9.26 -5.90
C THR A 102 -6.24 8.03 -6.76
N ARG A 103 -6.94 6.95 -6.43
CA ARG A 103 -6.79 5.69 -7.14
C ARG A 103 -7.72 5.67 -8.36
N VAL A 104 -7.16 5.37 -9.52
CA VAL A 104 -7.95 5.31 -10.75
C VAL A 104 -7.96 3.85 -11.21
N ASP A 105 -9.13 3.22 -11.19
CA ASP A 105 -9.22 1.83 -11.61
C ASP A 105 -10.19 1.63 -12.76
N VAL A 106 -10.25 0.41 -13.28
CA VAL A 106 -11.11 0.07 -14.40
C VAL A 106 -12.57 -0.02 -13.97
N ARG A 107 -13.44 0.73 -14.64
CA ARG A 107 -14.85 0.71 -14.29
C ARG A 107 -15.56 -0.53 -14.82
N ARG A 108 -16.47 -1.04 -14.01
CA ARG A 108 -17.30 -2.19 -14.38
C ARG A 108 -18.59 -2.02 -13.61
N THR A 109 -19.57 -2.87 -13.86
CA THR A 109 -20.84 -2.76 -13.16
C THR A 109 -20.69 -3.11 -11.69
N VAL A 110 -21.54 -2.51 -10.86
CA VAL A 110 -21.51 -2.76 -9.42
C VAL A 110 -21.72 -4.25 -9.18
N ALA A 111 -20.92 -4.82 -8.28
CA ALA A 111 -21.03 -6.23 -7.96
C ALA A 111 -20.87 -6.44 -6.47
N ALA A 112 -21.96 -6.85 -5.82
CA ALA A 112 -21.95 -7.10 -4.39
C ALA A 112 -21.00 -8.25 -4.10
N PRO A 113 -20.34 -8.23 -2.93
CA PRO A 113 -19.43 -9.32 -2.59
C PRO A 113 -20.13 -10.55 -2.06
N SER A 114 -19.55 -11.72 -2.31
CA SER A 114 -20.09 -12.96 -1.78
C SER A 114 -19.35 -13.02 -0.45
N VAL A 115 -20.07 -13.18 0.64
CA VAL A 115 -19.43 -13.21 1.95
C VAL A 115 -19.41 -14.57 2.61
N PHE A 116 -18.24 -14.93 3.16
CA PHE A 116 -18.06 -16.20 3.84
C PHE A 116 -17.31 -15.96 5.16
N ILE A 117 -17.67 -16.70 6.19
CA ILE A 117 -17.01 -16.59 7.48
C ILE A 117 -16.42 -17.96 7.83
N PHE A 118 -15.18 -17.97 8.28
CA PHE A 118 -14.50 -19.21 8.64
C PHE A 118 -14.10 -19.25 10.10
N PRO A 119 -14.64 -20.21 10.87
CA PRO A 119 -14.30 -20.31 12.28
C PRO A 119 -12.86 -20.80 12.42
N PRO A 120 -12.25 -20.61 13.59
CA PRO A 120 -10.87 -21.08 13.72
C PRO A 120 -10.85 -22.61 13.70
N SER A 121 -9.73 -23.18 13.29
CA SER A 121 -9.60 -24.63 13.23
C SER A 121 -9.24 -25.18 14.60
N ASP A 122 -9.62 -26.42 14.86
CA ASP A 122 -9.29 -27.03 16.14
C ASP A 122 -7.79 -27.12 16.25
N GLU A 123 -7.11 -27.21 15.11
CA GLU A 123 -5.67 -27.29 15.10
C GLU A 123 -5.09 -26.03 15.73
N GLN A 124 -5.57 -24.87 15.27
CA GLN A 124 -5.07 -23.61 15.81
C GLN A 124 -5.41 -23.45 17.28
N LEU A 125 -6.66 -23.76 17.64
CA LEU A 125 -7.09 -23.63 19.02
C LEU A 125 -6.16 -24.36 19.99
N LYS A 126 -5.51 -25.41 19.51
CA LYS A 126 -4.59 -26.17 20.33
C LYS A 126 -3.35 -25.35 20.68
N SER A 127 -2.98 -24.42 19.80
CA SER A 127 -1.82 -23.59 20.03
C SER A 127 -2.15 -22.39 20.92
N GLY A 128 -3.42 -22.27 21.31
CA GLY A 128 -3.82 -21.18 22.18
C GLY A 128 -4.33 -19.89 21.55
N THR A 129 -4.51 -19.90 20.24
CA THR A 129 -5.01 -18.71 19.56
C THR A 129 -6.16 -19.07 18.64
N ALA A 130 -7.05 -18.11 18.42
CA ALA A 130 -8.19 -18.34 17.55
C ALA A 130 -8.30 -17.22 16.52
N SER A 131 -8.21 -17.59 15.25
CA SER A 131 -8.33 -16.62 14.17
C SER A 131 -9.64 -16.87 13.42
N VAL A 132 -10.49 -15.85 13.36
CA VAL A 132 -11.76 -15.97 12.65
C VAL A 132 -11.60 -15.14 11.37
N VAL A 133 -11.83 -15.76 10.22
CA VAL A 133 -11.67 -15.02 8.97
C VAL A 133 -12.97 -14.76 8.22
N CYS A 134 -13.02 -13.60 7.58
CA CYS A 134 -14.18 -13.21 6.78
C CYS A 134 -13.71 -12.87 5.38
N LEU A 135 -14.41 -13.42 4.39
CA LEU A 135 -14.05 -13.19 3.00
C LEU A 135 -15.14 -12.48 2.20
N LEU A 136 -14.73 -11.43 1.48
CA LEU A 136 -15.63 -10.68 0.62
C LEU A 136 -15.00 -10.95 -0.74
N ASN A 137 -15.68 -11.78 -1.53
CA ASN A 137 -15.19 -12.20 -2.83
C ASN A 137 -15.80 -11.52 -4.06
N ASN A 138 -14.94 -11.14 -4.98
CA ASN A 138 -15.32 -10.50 -6.24
C ASN A 138 -16.38 -9.42 -6.14
N PHE A 139 -15.99 -8.26 -5.64
CA PHE A 139 -16.92 -7.15 -5.50
C PHE A 139 -16.38 -5.90 -6.19
N TYR A 140 -17.25 -4.92 -6.38
CA TYR A 140 -16.89 -3.66 -7.02
C TYR A 140 -18.04 -2.69 -6.77
N PRO A 141 -17.73 -1.42 -6.45
CA PRO A 141 -16.39 -0.82 -6.32
C PRO A 141 -15.55 -1.39 -5.19
N ARG A 142 -14.33 -0.86 -5.05
CA ARG A 142 -13.37 -1.30 -4.06
C ARG A 142 -13.75 -1.00 -2.60
N GLU A 143 -14.39 0.14 -2.36
CA GLU A 143 -14.76 0.48 -0.99
C GLU A 143 -15.79 -0.46 -0.38
N ALA A 144 -15.47 -0.98 0.80
CA ALA A 144 -16.35 -1.90 1.51
C ALA A 144 -15.97 -1.85 2.98
N LYS A 145 -16.95 -2.00 3.86
CA LYS A 145 -16.70 -1.98 5.29
C LYS A 145 -17.04 -3.31 5.93
N VAL A 146 -16.14 -3.78 6.79
CA VAL A 146 -16.33 -5.03 7.51
C VAL A 146 -16.32 -4.75 9.00
N GLN A 147 -17.34 -5.22 9.69
CA GLN A 147 -17.42 -5.03 11.13
C GLN A 147 -17.58 -6.37 11.82
N TRP A 148 -16.70 -6.65 12.77
CA TRP A 148 -16.79 -7.91 13.51
C TRP A 148 -17.64 -7.69 14.75
N LYS A 149 -18.47 -8.68 15.06
CA LYS A 149 -19.32 -8.62 16.24
C LYS A 149 -19.27 -9.96 16.96
N VAL A 150 -19.07 -9.91 18.27
CA VAL A 150 -19.02 -11.11 19.08
C VAL A 150 -20.09 -10.96 20.16
N ASP A 151 -21.09 -11.82 20.11
CA ASP A 151 -22.19 -11.75 21.07
C ASP A 151 -22.74 -10.32 21.08
N ASN A 152 -22.82 -9.74 19.89
CA ASN A 152 -23.35 -8.39 19.69
C ASN A 152 -22.43 -7.24 20.09
N ALA A 153 -21.20 -7.57 20.46
CA ALA A 153 -20.23 -6.55 20.84
C ALA A 153 -19.39 -6.20 19.63
N LEU A 154 -19.35 -4.92 19.27
CA LEU A 154 -18.55 -4.49 18.14
C LEU A 154 -17.07 -4.62 18.49
N GLN A 155 -16.29 -5.25 17.61
CA GLN A 155 -14.87 -5.44 17.86
C GLN A 155 -14.04 -4.29 17.29
N SER A 156 -13.00 -3.89 18.02
CA SER A 156 -12.12 -2.81 17.58
C SER A 156 -10.68 -3.13 17.98
N GLY A 157 -9.75 -2.92 17.05
CA GLY A 157 -8.34 -3.15 17.33
C GLY A 157 -7.82 -4.58 17.34
N ASN A 158 -8.70 -5.56 17.11
CA ASN A 158 -8.25 -6.95 17.13
C ASN A 158 -8.44 -7.68 15.81
N SER A 159 -8.48 -6.94 14.71
CA SER A 159 -8.62 -7.53 13.39
C SER A 159 -7.74 -6.77 12.38
N GLN A 160 -7.43 -7.43 11.28
CA GLN A 160 -6.63 -6.83 10.22
C GLN A 160 -7.21 -7.34 8.90
N GLU A 161 -7.08 -6.53 7.85
CA GLU A 161 -7.61 -6.92 6.55
C GLU A 161 -6.66 -6.60 5.39
N SER A 162 -6.83 -7.33 4.30
CA SER A 162 -6.02 -7.16 3.08
C SER A 162 -6.98 -7.17 1.89
N VAL A 163 -6.60 -6.48 0.82
CA VAL A 163 -7.40 -6.42 -0.39
C VAL A 163 -6.52 -6.76 -1.58
N THR A 164 -7.05 -7.54 -2.52
CA THR A 164 -6.30 -7.93 -3.70
C THR A 164 -6.29 -6.79 -4.72
N GLU A 165 -5.36 -6.84 -5.67
CA GLU A 165 -5.32 -5.81 -6.70
C GLU A 165 -6.50 -6.12 -7.61
N GLN A 166 -6.99 -5.11 -8.33
CA GLN A 166 -8.13 -5.33 -9.20
C GLN A 166 -7.82 -6.49 -10.15
N ASP A 167 -8.75 -7.42 -10.25
CA ASP A 167 -8.55 -8.57 -11.11
C ASP A 167 -8.45 -8.15 -12.58
N SER A 168 -7.49 -8.72 -13.28
CA SER A 168 -7.26 -8.43 -14.68
C SER A 168 -8.46 -8.78 -15.58
N LYS A 169 -9.20 -9.82 -15.22
CA LYS A 169 -10.34 -10.24 -16.02
C LYS A 169 -11.68 -9.77 -15.46
N ASP A 170 -11.83 -9.88 -14.15
CA ASP A 170 -13.05 -9.51 -13.44
C ASP A 170 -13.26 -8.02 -13.23
N SER A 171 -12.18 -7.32 -12.90
CA SER A 171 -12.23 -5.90 -12.61
C SER A 171 -12.88 -5.79 -11.23
N THR A 172 -12.87 -6.90 -10.51
CA THR A 172 -13.43 -6.93 -9.16
C THR A 172 -12.29 -6.99 -8.15
N TYR A 173 -12.65 -6.85 -6.87
CA TYR A 173 -11.69 -6.91 -5.78
C TYR A 173 -12.18 -7.97 -4.81
N SER A 174 -11.30 -8.41 -3.93
CA SER A 174 -11.64 -9.37 -2.90
C SER A 174 -10.92 -8.88 -1.65
N LEU A 175 -11.53 -9.14 -0.50
CA LEU A 175 -10.97 -8.70 0.77
C LEU A 175 -11.03 -9.79 1.83
N SER A 176 -9.97 -9.88 2.62
CA SER A 176 -9.89 -10.86 3.67
C SER A 176 -9.67 -10.12 4.99
N SER A 177 -10.47 -10.45 5.99
CA SER A 177 -10.35 -9.83 7.30
C SER A 177 -10.21 -10.91 8.36
N THR A 178 -9.22 -10.76 9.22
CA THR A 178 -8.98 -11.72 10.28
C THR A 178 -9.18 -11.13 11.66
N LEU A 179 -10.06 -11.74 12.44
CA LEU A 179 -10.30 -11.32 13.81
C LEU A 179 -9.47 -12.31 14.64
N THR A 180 -8.58 -11.79 15.49
CA THR A 180 -7.74 -12.67 16.29
C THR A 180 -8.01 -12.54 17.78
N LEU A 181 -8.24 -13.67 18.43
CA LEU A 181 -8.50 -13.71 19.85
C LEU A 181 -7.74 -14.88 20.47
N SER A 182 -7.58 -14.86 21.78
CA SER A 182 -6.90 -15.95 22.46
C SER A 182 -7.93 -17.07 22.53
N LYS A 183 -7.47 -18.29 22.74
CA LYS A 183 -8.39 -19.43 22.85
C LYS A 183 -9.35 -19.14 23.99
N ALA A 184 -8.80 -18.73 25.13
CA ALA A 184 -9.59 -18.41 26.31
C ALA A 184 -10.79 -17.50 26.02
N ASP A 185 -10.52 -16.33 25.47
CA ASP A 185 -11.59 -15.39 25.14
C ASP A 185 -12.55 -15.95 24.11
N TYR A 186 -12.01 -16.64 23.11
CA TYR A 186 -12.83 -17.24 22.06
C TYR A 186 -13.85 -18.19 22.66
N GLU A 187 -13.37 -19.06 23.55
CA GLU A 187 -14.21 -20.06 24.19
C GLU A 187 -15.18 -19.43 25.18
N LYS A 188 -15.05 -18.13 25.39
CA LYS A 188 -15.92 -17.43 26.33
C LYS A 188 -17.11 -16.74 25.67
N HIS A 189 -17.21 -16.86 24.35
CA HIS A 189 -18.30 -16.25 23.60
C HIS A 189 -18.92 -17.27 22.66
N LYS A 190 -20.10 -16.98 22.13
CA LYS A 190 -20.76 -17.92 21.24
C LYS A 190 -20.98 -17.47 19.79
N VAL A 191 -21.61 -16.32 19.60
CA VAL A 191 -21.90 -15.83 18.25
C VAL A 191 -20.83 -14.92 17.66
N TYR A 192 -20.26 -15.35 16.55
CA TYR A 192 -19.24 -14.58 15.85
C TYR A 192 -19.80 -14.15 14.51
N GLU A 193 -19.96 -12.85 14.33
CA GLU A 193 -20.53 -12.31 13.11
C GLU A 193 -19.61 -11.37 12.35
N CYS A 194 -19.73 -11.41 11.02
CA CYS A 194 -18.98 -10.55 10.13
C CYS A 194 -20.02 -9.73 9.37
N GLU A 195 -20.14 -8.45 9.69
CA GLU A 195 -21.12 -7.60 9.02
C GLU A 195 -20.48 -6.85 7.86
N VAL A 196 -21.07 -6.99 6.67
CA VAL A 196 -20.51 -6.35 5.49
C VAL A 196 -21.42 -5.28 4.88
N THR A 197 -20.84 -4.12 4.63
CA THR A 197 -21.55 -3.01 4.01
C THR A 197 -20.85 -2.70 2.69
N HIS A 198 -21.63 -2.59 1.63
CA HIS A 198 -21.09 -2.31 0.31
C HIS A 198 -22.18 -1.69 -0.55
N GLN A 199 -21.78 -0.94 -1.57
CA GLN A 199 -22.75 -0.28 -2.43
C GLN A 199 -23.63 -1.29 -3.17
N GLY A 200 -23.08 -2.46 -3.44
CA GLY A 200 -23.84 -3.48 -4.13
C GLY A 200 -24.83 -4.19 -3.24
N LEU A 201 -24.87 -3.81 -1.96
CA LEU A 201 -25.78 -4.43 -1.01
C LEU A 201 -26.88 -3.47 -0.58
N SER A 202 -28.13 -3.84 -0.89
CA SER A 202 -29.30 -3.03 -0.54
C SER A 202 -29.28 -2.72 0.94
N SER A 203 -28.66 -3.61 1.71
CA SER A 203 -28.54 -3.46 3.15
C SER A 203 -27.35 -4.30 3.59
N PRO A 204 -26.80 -4.03 4.79
CA PRO A 204 -25.65 -4.79 5.27
C PRO A 204 -25.94 -6.28 5.41
N VAL A 205 -25.02 -7.10 4.91
CA VAL A 205 -25.17 -8.55 5.00
C VAL A 205 -24.30 -9.05 6.15
N THR A 206 -24.85 -9.95 6.97
CA THR A 206 -24.11 -10.49 8.10
C THR A 206 -24.00 -12.01 8.07
N LYS A 207 -22.77 -12.50 8.08
CA LYS A 207 -22.53 -13.94 8.09
C LYS A 207 -22.03 -14.25 9.49
N SER A 208 -22.53 -15.33 10.08
CA SER A 208 -22.13 -15.69 11.43
C SER A 208 -22.22 -17.18 11.71
N PHE A 209 -21.80 -17.55 12.90
CA PHE A 209 -21.82 -18.93 13.37
C PHE A 209 -21.71 -18.97 14.88
N ASN A 210 -22.18 -20.06 15.49
CA ASN A 210 -22.12 -20.21 16.93
C ASN A 210 -20.99 -21.19 17.27
N ARG A 211 -20.02 -20.71 18.04
CA ARG A 211 -18.89 -21.53 18.43
C ARG A 211 -19.39 -22.81 19.13
N GLY A 212 -18.67 -23.90 18.92
CA GLY A 212 -19.03 -25.17 19.54
C GLY A 212 -20.29 -25.85 19.04
N GLU A 213 -21.20 -25.07 18.45
CA GLU A 213 -22.45 -25.61 17.95
C GLU A 213 -22.22 -26.61 16.82
N CYS A 214 -22.34 -27.89 17.14
CA CYS A 214 -22.14 -28.95 16.14
C CYS A 214 -23.42 -29.76 15.93
N ARG B 1 21.49 11.63 -18.48
CA ARG B 1 20.38 10.93 -17.80
C ARG B 1 20.64 10.91 -16.29
N ILE B 2 19.61 11.18 -15.49
CA ILE B 2 19.77 11.16 -14.06
C ILE B 2 19.17 9.88 -13.49
N THR B 3 19.88 9.25 -12.57
CA THR B 3 19.40 8.03 -11.93
C THR B 3 19.81 8.06 -10.48
N LEU B 4 18.96 7.50 -9.62
CA LEU B 4 19.25 7.43 -8.20
C LEU B 4 18.88 6.02 -7.75
N LYS B 5 19.54 5.53 -6.72
CA LYS B 5 19.25 4.21 -6.19
C LYS B 5 19.48 4.18 -4.69
N GLU B 6 18.49 3.70 -3.96
CA GLU B 6 18.56 3.63 -2.51
C GLU B 6 19.18 2.29 -2.08
N SER B 7 19.96 2.32 -1.01
CA SER B 7 20.58 1.11 -0.49
C SER B 7 20.52 1.16 1.04
N GLY B 8 20.49 -0.02 1.65
CA GLY B 8 20.42 -0.08 3.10
C GLY B 8 19.88 -1.41 3.58
N PRO B 9 19.61 -1.55 4.88
CA PRO B 9 19.10 -2.77 5.48
C PRO B 9 17.63 -3.02 5.17
N PRO B 10 17.31 -4.20 4.62
CA PRO B 10 15.90 -4.49 4.32
C PRO B 10 15.13 -4.73 5.62
N LEU B 11 15.84 -5.13 6.66
CA LEU B 11 15.24 -5.40 7.97
C LEU B 11 16.02 -4.73 9.09
N VAL B 12 15.30 -4.09 10.01
CA VAL B 12 15.92 -3.43 11.16
C VAL B 12 14.99 -3.63 12.35
N LYS B 13 15.55 -3.77 13.54
CA LYS B 13 14.73 -3.99 14.74
C LYS B 13 14.36 -2.70 15.46
N PRO B 14 13.23 -2.70 16.19
CA PRO B 14 12.80 -1.53 16.92
C PRO B 14 13.90 -1.01 17.84
N THR B 15 13.94 0.31 18.00
CA THR B 15 14.91 1.05 18.82
C THR B 15 16.25 1.20 18.12
N GLN B 16 16.47 0.44 17.06
CA GLN B 16 17.73 0.53 16.34
C GLN B 16 17.77 1.73 15.41
N THR B 17 18.95 1.97 14.86
CA THR B 17 19.17 3.09 13.96
C THR B 17 19.21 2.59 12.52
N LEU B 18 18.48 3.28 11.64
CA LEU B 18 18.43 2.93 10.24
C LEU B 18 19.20 3.96 9.42
N THR B 19 20.14 3.50 8.61
CA THR B 19 20.92 4.39 7.77
C THR B 19 20.66 4.03 6.31
N LEU B 20 20.09 4.97 5.58
CA LEU B 20 19.77 4.77 4.17
C LEU B 20 20.70 5.63 3.31
N THR B 21 21.15 5.07 2.20
CA THR B 21 22.04 5.76 1.29
C THR B 21 21.43 5.91 -0.09
N CYS B 22 21.58 7.10 -0.67
CA CYS B 22 21.09 7.39 -2.01
C CYS B 22 22.32 7.64 -2.86
N SER B 23 22.53 6.78 -3.85
CA SER B 23 23.66 6.93 -4.76
C SER B 23 23.05 7.43 -6.06
N PHE B 24 23.62 8.46 -6.63
CA PHE B 24 23.09 9.02 -7.86
C PHE B 24 24.16 9.33 -8.89
N SER B 25 23.72 9.51 -10.13
CA SER B 25 24.60 9.84 -11.23
C SER B 25 23.82 10.76 -12.17
N GLY B 26 24.52 11.55 -12.97
CA GLY B 26 23.84 12.44 -13.90
C GLY B 26 23.74 13.89 -13.43
N PHE B 27 24.16 14.13 -12.20
CA PHE B 27 24.15 15.47 -11.63
C PHE B 27 25.07 15.46 -10.43
N SER B 28 25.45 16.63 -9.95
CA SER B 28 26.33 16.72 -8.80
C SER B 28 25.69 17.56 -7.72
N LEU B 29 26.00 17.26 -6.47
CA LEU B 29 25.48 18.03 -5.36
C LEU B 29 26.34 19.27 -5.14
N SER B 30 26.93 19.74 -6.23
CA SER B 30 27.74 20.96 -6.20
C SER B 30 27.13 21.84 -7.29
N ASP B 31 26.10 21.30 -7.98
CA ASP B 31 25.41 22.04 -9.02
C ASP B 31 24.48 23.03 -8.31
N PHE B 32 24.37 24.24 -8.86
CA PHE B 32 23.57 25.29 -8.25
C PHE B 32 22.12 24.94 -7.91
N GLY B 33 21.76 25.15 -6.65
CA GLY B 33 20.40 24.93 -6.17
C GLY B 33 19.81 23.53 -6.16
N VAL B 34 20.56 22.54 -6.65
CA VAL B 34 20.07 21.18 -6.71
C VAL B 34 19.83 20.58 -5.32
N GLY B 35 18.79 19.76 -5.23
CA GLY B 35 18.48 19.12 -3.97
C GLY B 35 18.22 17.63 -4.14
N VAL B 36 18.32 16.89 -3.04
CA VAL B 36 18.04 15.46 -3.02
C VAL B 36 17.19 15.29 -1.78
N GLY B 37 15.99 14.74 -1.97
CA GLY B 37 15.09 14.55 -0.84
C GLY B 37 14.74 13.11 -0.64
N TRP B 38 14.14 12.83 0.52
CA TRP B 38 13.71 11.48 0.87
C TRP B 38 12.21 11.47 1.15
N ILE B 39 11.51 10.52 0.55
CA ILE B 39 10.07 10.39 0.72
C ILE B 39 9.80 8.92 1.03
N ARG B 40 8.92 8.65 1.99
CA ARG B 40 8.62 7.27 2.37
C ARG B 40 7.18 6.95 2.00
N GLN B 41 6.85 5.66 1.97
CA GLN B 41 5.50 5.22 1.66
C GLN B 41 5.17 3.92 2.38
N PRO B 42 4.43 4.00 3.50
CA PRO B 42 4.11 2.75 4.19
C PRO B 42 3.21 1.91 3.28
N PRO B 43 3.31 0.57 3.37
CA PRO B 43 2.46 -0.28 2.52
C PRO B 43 1.00 0.14 2.44
N GLY B 44 0.53 0.33 1.21
CA GLY B 44 -0.84 0.73 0.98
C GLY B 44 -1.21 2.15 1.37
N LYS B 45 -0.25 2.94 1.85
CA LYS B 45 -0.55 4.31 2.25
C LYS B 45 0.00 5.38 1.30
N ALA B 46 -0.23 6.63 1.65
CA ALA B 46 0.21 7.76 0.83
C ALA B 46 1.68 8.10 1.05
N LEU B 47 2.22 8.92 0.15
CA LEU B 47 3.61 9.36 0.21
C LEU B 47 3.79 10.32 1.38
N GLU B 48 4.91 10.22 2.08
CA GLU B 48 5.21 11.12 3.19
C GLU B 48 6.60 11.72 3.04
N TRP B 49 6.65 13.05 2.98
CA TRP B 49 7.90 13.79 2.83
C TRP B 49 8.73 13.71 4.11
N LEU B 50 10.02 13.39 3.97
CA LEU B 50 10.89 13.25 5.13
C LEU B 50 11.94 14.34 5.30
N ALA B 51 12.72 14.59 4.26
CA ALA B 51 13.78 15.58 4.35
C ALA B 51 14.37 15.91 2.99
N ILE B 52 15.18 16.96 2.96
CA ILE B 52 15.84 17.38 1.72
C ILE B 52 17.12 18.11 2.08
N ILE B 53 18.13 17.96 1.22
CA ILE B 53 19.40 18.64 1.39
C ILE B 53 19.78 19.24 0.04
N TYR B 54 20.40 20.42 0.06
CA TYR B 54 20.78 21.10 -1.16
C TYR B 54 22.29 21.20 -1.35
N SER B 55 22.72 21.57 -2.55
CA SER B 55 24.15 21.70 -2.85
C SER B 55 24.89 22.66 -1.93
N ASP B 56 24.19 23.64 -1.38
CA ASP B 56 24.82 24.61 -0.49
C ASP B 56 24.78 24.14 0.97
N ASP B 57 24.35 22.89 1.17
CA ASP B 57 24.24 22.22 2.46
C ASP B 57 23.06 22.65 3.34
N ASP B 58 22.13 23.40 2.75
CA ASP B 58 20.93 23.81 3.46
C ASP B 58 20.18 22.48 3.66
N LYS B 59 19.56 22.30 4.82
CA LYS B 59 18.84 21.06 5.10
C LYS B 59 17.48 21.37 5.74
N ARG B 60 16.49 20.56 5.43
CA ARG B 60 15.15 20.74 5.99
C ARG B 60 14.59 19.35 6.31
N TYR B 61 13.87 19.26 7.42
CA TYR B 61 13.30 17.99 7.88
C TYR B 61 11.82 18.07 8.18
N SER B 62 11.17 16.92 8.13
CA SER B 62 9.76 16.83 8.47
C SER B 62 9.70 17.17 9.97
N PRO B 63 8.83 18.11 10.36
CA PRO B 63 8.70 18.52 11.76
C PRO B 63 8.28 17.35 12.66
N SER B 64 7.62 16.35 12.07
CA SER B 64 7.17 15.19 12.82
C SER B 64 8.31 14.22 13.16
N LEU B 65 9.29 14.12 12.27
CA LEU B 65 10.42 13.21 12.49
C LEU B 65 11.74 13.94 12.74
N ASN B 66 11.69 15.25 12.83
CA ASN B 66 12.88 16.06 13.04
C ASN B 66 13.93 15.52 14.02
N THR B 67 13.50 15.20 15.24
CA THR B 67 14.44 14.71 16.25
C THR B 67 15.09 13.36 15.96
N ARG B 68 14.50 12.60 15.05
CA ARG B 68 15.05 11.28 14.73
C ARG B 68 15.82 11.23 13.41
N LEU B 69 15.78 12.32 12.64
CA LEU B 69 16.44 12.35 11.34
C LEU B 69 17.67 13.25 11.19
N THR B 70 18.59 12.77 10.37
CA THR B 70 19.78 13.51 10.03
C THR B 70 20.04 13.22 8.55
N ILE B 71 20.21 14.27 7.75
CA ILE B 71 20.48 14.07 6.34
C ILE B 71 21.84 14.71 6.08
N THR B 72 22.66 14.02 5.31
CA THR B 72 24.00 14.51 5.00
C THR B 72 24.33 14.14 3.57
N LYS B 73 25.29 14.84 2.99
CA LYS B 73 25.69 14.54 1.63
C LYS B 73 27.17 14.31 1.53
N ASP B 74 27.57 13.48 0.59
CA ASP B 74 28.98 13.25 0.35
C ASP B 74 29.12 13.61 -1.11
N THR B 75 29.42 14.89 -1.35
CA THR B 75 29.54 15.42 -2.69
C THR B 75 30.44 14.61 -3.61
N SER B 76 31.61 14.24 -3.10
CA SER B 76 32.57 13.49 -3.90
C SER B 76 32.11 12.10 -4.32
N LYS B 77 31.34 11.42 -3.48
CA LYS B 77 30.89 10.09 -3.86
C LYS B 77 29.50 10.06 -4.47
N ASN B 78 28.92 11.24 -4.71
CA ASN B 78 27.58 11.33 -5.28
C ASN B 78 26.60 10.54 -4.43
N GLN B 79 26.56 10.84 -3.14
CA GLN B 79 25.65 10.14 -2.25
C GLN B 79 25.05 11.08 -1.22
N VAL B 80 23.88 10.69 -0.74
CA VAL B 80 23.17 11.42 0.30
C VAL B 80 22.76 10.33 1.27
N VAL B 81 22.94 10.60 2.56
CA VAL B 81 22.60 9.63 3.58
C VAL B 81 21.53 10.18 4.51
N LEU B 82 20.59 9.32 4.87
CA LEU B 82 19.53 9.68 5.81
C LEU B 82 19.63 8.71 6.97
N VAL B 83 19.79 9.24 8.18
CA VAL B 83 19.88 8.39 9.36
C VAL B 83 18.61 8.59 10.19
N MET B 84 17.93 7.49 10.50
CA MET B 84 16.73 7.57 11.31
C MET B 84 16.97 6.75 12.57
N THR B 85 16.97 7.43 13.71
CA THR B 85 17.21 6.76 14.99
C THR B 85 15.91 6.27 15.63
N ARG B 86 16.05 5.37 16.59
CA ARG B 86 14.93 4.80 17.34
C ARG B 86 13.72 4.41 16.50
N VAL B 87 13.93 3.61 15.47
CA VAL B 87 12.83 3.19 14.63
C VAL B 87 11.83 2.32 15.39
N SER B 88 10.61 2.23 14.86
CA SER B 88 9.56 1.40 15.46
C SER B 88 8.78 0.78 14.29
N PRO B 89 7.93 -0.22 14.58
CA PRO B 89 7.17 -0.86 13.50
C PRO B 89 6.47 0.08 12.52
N VAL B 90 6.03 1.25 12.97
CA VAL B 90 5.35 2.17 12.06
C VAL B 90 6.27 2.76 10.99
N ASP B 91 7.58 2.64 11.18
CA ASP B 91 8.50 3.17 10.18
C ASP B 91 8.71 2.19 9.05
N THR B 92 7.97 1.08 9.06
CA THR B 92 8.09 0.11 7.98
C THR B 92 7.50 0.77 6.75
N ALA B 93 8.26 0.80 5.66
CA ALA B 93 7.79 1.44 4.44
C ALA B 93 8.83 1.34 3.35
N THR B 94 8.49 1.87 2.19
CA THR B 94 9.42 1.91 1.07
C THR B 94 9.96 3.32 1.10
N TYR B 95 11.28 3.43 1.10
CA TYR B 95 11.94 4.71 1.16
C TYR B 95 12.51 5.08 -0.20
N PHE B 96 12.13 6.26 -0.70
CA PHE B 96 12.61 6.75 -1.98
C PHE B 96 13.45 8.01 -1.81
N CYS B 97 14.47 8.16 -2.65
CA CYS B 97 15.22 9.41 -2.65
C CYS B 97 14.89 9.97 -4.02
N ALA B 98 14.95 11.29 -4.15
CA ALA B 98 14.59 11.91 -5.41
C ALA B 98 15.35 13.21 -5.60
N HIS B 99 15.51 13.57 -6.87
CA HIS B 99 16.22 14.76 -7.27
C HIS B 99 15.28 15.95 -7.42
N ARG B 100 15.78 17.12 -7.06
CA ARG B 100 15.03 18.35 -7.20
C ARG B 100 15.90 19.30 -7.99
N ARG B 101 15.35 19.82 -9.07
CA ARG B 101 16.06 20.75 -9.94
C ARG B 101 16.32 22.06 -9.22
N GLY B 102 17.42 22.72 -9.58
CA GLY B 102 17.72 24.02 -9.02
C GLY B 102 17.16 25.01 -10.03
N PRO B 103 17.20 26.32 -9.74
CA PRO B 103 16.68 27.30 -10.70
C PRO B 103 17.44 27.24 -12.02
N THR B 104 16.74 27.45 -13.13
CA THR B 104 17.38 27.45 -14.43
C THR B 104 18.26 28.69 -14.53
N THR B 105 19.46 28.53 -15.07
CA THR B 105 20.38 29.64 -15.20
C THR B 105 20.72 29.93 -16.66
N LEU B 106 21.09 31.17 -16.94
CA LEU B 106 21.48 31.58 -18.29
C LEU B 106 22.81 32.30 -18.13
N PHE B 107 23.87 31.72 -18.69
CA PHE B 107 25.20 32.29 -18.58
C PHE B 107 25.47 32.53 -17.09
N GLY B 108 24.99 31.60 -16.26
CA GLY B 108 25.19 31.70 -14.83
C GLY B 108 24.11 32.41 -14.04
N VAL B 109 23.28 33.20 -14.70
CA VAL B 109 22.23 33.91 -13.99
C VAL B 109 20.91 33.16 -13.91
N PRO B 110 20.38 32.98 -12.69
CA PRO B 110 19.10 32.28 -12.53
C PRO B 110 18.01 33.07 -13.22
N ILE B 111 17.28 32.42 -14.13
CA ILE B 111 16.22 33.10 -14.87
C ILE B 111 14.85 32.44 -14.74
N ALA B 112 14.78 31.31 -14.04
CA ALA B 112 13.50 30.62 -13.88
C ALA B 112 13.52 29.68 -12.69
N ARG B 113 12.51 29.79 -11.83
CA ARG B 113 12.44 28.92 -10.66
C ARG B 113 11.35 27.88 -10.82
N GLY B 114 10.58 27.98 -11.90
CA GLY B 114 9.51 27.03 -12.13
C GLY B 114 9.96 25.57 -12.05
N PRO B 115 11.12 25.23 -12.63
CA PRO B 115 11.60 23.85 -12.58
C PRO B 115 11.84 23.25 -11.20
N VAL B 116 11.97 24.09 -10.17
CA VAL B 116 12.21 23.56 -8.83
C VAL B 116 10.92 23.04 -8.19
N ASN B 117 9.78 23.34 -8.80
CA ASN B 117 8.51 22.92 -8.22
C ASN B 117 8.03 21.50 -8.52
N ALA B 118 8.84 20.55 -8.07
CA ALA B 118 8.60 19.12 -8.22
C ALA B 118 9.89 18.38 -7.90
N MET B 119 9.78 17.07 -7.73
CA MET B 119 10.92 16.19 -7.52
C MET B 119 10.79 15.44 -8.85
N ASP B 120 11.71 15.74 -9.78
CA ASP B 120 11.64 15.20 -11.13
C ASP B 120 12.13 13.80 -11.44
N VAL B 121 13.00 13.25 -10.61
CA VAL B 121 13.49 11.90 -10.85
C VAL B 121 13.55 11.16 -9.52
N TRP B 122 13.04 9.94 -9.49
CA TRP B 122 12.98 9.16 -8.27
C TRP B 122 13.76 7.84 -8.38
N GLY B 123 14.21 7.34 -7.24
CA GLY B 123 14.90 6.07 -7.24
C GLY B 123 13.82 5.00 -7.27
N GLN B 124 14.21 3.74 -7.40
CA GLN B 124 13.25 2.64 -7.43
C GLN B 124 12.61 2.47 -6.05
N GLY B 125 13.32 2.93 -5.02
CA GLY B 125 12.83 2.80 -3.66
C GLY B 125 13.35 1.55 -3.00
N ILE B 126 13.50 1.59 -1.67
CA ILE B 126 13.98 0.45 -0.93
C ILE B 126 12.99 0.14 0.17
N THR B 127 12.55 -1.11 0.24
CA THR B 127 11.58 -1.51 1.24
C THR B 127 12.26 -1.88 2.55
N VAL B 128 11.84 -1.23 3.63
CA VAL B 128 12.41 -1.51 4.94
C VAL B 128 11.31 -1.95 5.89
N THR B 129 11.56 -3.05 6.58
CA THR B 129 10.60 -3.59 7.54
C THR B 129 11.21 -3.51 8.94
N ILE B 130 10.45 -2.99 9.89
CA ILE B 130 10.93 -2.88 11.25
C ILE B 130 10.19 -3.90 12.09
N SER B 131 10.93 -4.89 12.58
CA SER B 131 10.39 -5.95 13.41
C SER B 131 11.51 -6.58 14.22
N SER B 132 11.18 -7.01 15.43
CA SER B 132 12.16 -7.65 16.30
C SER B 132 12.23 -9.15 16.02
N THR B 133 11.26 -9.61 15.23
CA THR B 133 11.14 -11.03 14.88
C THR B 133 12.33 -11.72 14.22
N SER B 134 12.55 -12.97 14.59
CA SER B 134 13.62 -13.79 14.01
C SER B 134 12.98 -14.64 12.91
N THR B 135 13.80 -15.22 12.04
CA THR B 135 13.27 -16.05 10.96
C THR B 135 12.35 -17.10 11.58
N LYS B 136 11.12 -17.19 11.08
CA LYS B 136 10.16 -18.15 11.61
C LYS B 136 9.21 -18.68 10.54
N GLY B 137 9.08 -20.00 10.49
CA GLY B 137 8.20 -20.64 9.53
C GLY B 137 6.74 -20.47 9.91
N PRO B 138 5.84 -20.52 8.91
CA PRO B 138 4.40 -20.36 9.13
C PRO B 138 3.70 -21.61 9.64
N SER B 139 2.58 -21.38 10.31
CA SER B 139 1.73 -22.44 10.82
C SER B 139 0.57 -22.35 9.83
N VAL B 140 0.20 -23.47 9.22
CA VAL B 140 -0.87 -23.47 8.24
C VAL B 140 -2.16 -24.10 8.74
N PHE B 141 -3.24 -23.33 8.71
CA PHE B 141 -4.52 -23.82 9.17
C PHE B 141 -5.56 -23.78 8.07
N PRO B 142 -6.50 -24.74 8.09
CA PRO B 142 -7.56 -24.81 7.08
C PRO B 142 -8.64 -23.77 7.27
N LEU B 143 -9.25 -23.35 6.16
CA LEU B 143 -10.36 -22.41 6.17
C LEU B 143 -11.48 -23.25 5.57
N ALA B 144 -12.23 -23.93 6.45
CA ALA B 144 -13.30 -24.82 6.04
C ALA B 144 -14.57 -24.15 5.52
N PRO B 145 -14.94 -24.48 4.27
CA PRO B 145 -16.10 -24.02 3.51
C PRO B 145 -17.48 -24.29 4.13
N SER B 146 -18.42 -24.65 3.26
CA SER B 146 -19.79 -24.93 3.65
C SER B 146 -20.35 -25.96 2.69
N SER B 147 -20.35 -25.73 1.46
N ALA B 151 -26.64 -27.71 -5.21
CA ALA B 151 -25.65 -26.92 -6.01
C ALA B 151 -25.82 -25.44 -5.71
N GLY B 152 -26.65 -24.77 -6.50
CA GLY B 152 -26.91 -23.35 -6.29
C GLY B 152 -25.69 -22.45 -6.20
N GLY B 153 -25.58 -21.75 -5.08
CA GLY B 153 -24.48 -20.83 -4.87
C GLY B 153 -23.06 -21.36 -5.04
N ALA B 154 -22.09 -20.53 -4.68
CA ALA B 154 -20.68 -20.88 -4.76
C ALA B 154 -20.11 -21.15 -3.37
N ALA B 155 -19.10 -22.02 -3.30
CA ALA B 155 -18.49 -22.37 -2.02
C ALA B 155 -17.06 -21.83 -1.91
N ALA B 156 -16.67 -21.48 -0.70
CA ALA B 156 -15.34 -20.95 -0.46
C ALA B 156 -14.56 -21.74 0.58
N LEU B 157 -13.27 -21.90 0.33
CA LEU B 157 -12.38 -22.60 1.24
C LEU B 157 -10.97 -22.04 1.07
N GLY B 158 -10.07 -22.36 1.98
CA GLY B 158 -8.71 -21.85 1.85
C GLY B 158 -7.75 -22.23 2.95
N CYS B 159 -6.65 -21.51 3.03
CA CYS B 159 -5.63 -21.76 4.06
C CYS B 159 -5.15 -20.47 4.70
N LEU B 160 -4.92 -20.53 6.00
CA LEU B 160 -4.42 -19.40 6.77
C LEU B 160 -2.94 -19.66 7.04
N VAL B 161 -2.08 -18.83 6.47
CA VAL B 161 -0.64 -18.96 6.64
C VAL B 161 -0.26 -17.97 7.72
N LYS B 162 -0.21 -18.44 8.96
CA LYS B 162 0.04 -17.56 10.09
C LYS B 162 1.37 -17.59 10.85
N ASP B 163 1.77 -16.40 11.27
CA ASP B 163 2.97 -16.15 12.05
C ASP B 163 4.31 -16.56 11.46
N TYR B 164 4.63 -16.01 10.30
CA TYR B 164 5.91 -16.32 9.67
C TYR B 164 6.70 -15.03 9.52
N PHE B 165 7.99 -15.18 9.26
CA PHE B 165 8.88 -14.03 9.07
C PHE B 165 10.18 -14.56 8.48
N PRO B 166 10.74 -13.85 7.49
CA PRO B 166 10.22 -12.61 6.90
C PRO B 166 9.41 -12.96 5.66
N GLU B 167 9.08 -11.94 4.87
CA GLU B 167 8.38 -12.17 3.61
C GLU B 167 9.50 -12.71 2.73
N PRO B 168 9.16 -13.42 1.64
CA PRO B 168 7.81 -13.75 1.21
C PRO B 168 7.50 -15.22 1.44
N VAL B 169 6.27 -15.61 1.11
CA VAL B 169 5.85 -17.00 1.23
C VAL B 169 5.11 -17.25 -0.07
N THR B 170 5.21 -18.45 -0.60
CA THR B 170 4.52 -18.76 -1.84
C THR B 170 3.39 -19.74 -1.58
N VAL B 171 2.27 -19.52 -2.25
CA VAL B 171 1.11 -20.38 -2.07
C VAL B 171 0.48 -20.70 -3.43
N SER B 172 0.21 -21.98 -3.64
CA SER B 172 -0.43 -22.42 -4.87
C SER B 172 -1.45 -23.48 -4.45
N TRP B 173 -2.32 -23.87 -5.37
CA TRP B 173 -3.33 -24.88 -5.06
C TRP B 173 -3.21 -26.06 -6.01
N ASN B 174 -3.23 -27.26 -5.43
CA ASN B 174 -3.13 -28.49 -6.21
C ASN B 174 -1.87 -28.48 -7.07
N SER B 175 -0.75 -28.20 -6.44
CA SER B 175 0.55 -28.17 -7.10
C SER B 175 0.56 -27.21 -8.30
N GLY B 176 -0.30 -26.20 -8.25
CA GLY B 176 -0.37 -25.23 -9.33
C GLY B 176 -1.37 -25.57 -10.41
N ALA B 177 -2.12 -26.65 -10.23
CA ALA B 177 -3.10 -27.08 -11.22
C ALA B 177 -4.44 -26.36 -11.07
N LEU B 178 -4.65 -25.73 -9.91
CA LEU B 178 -5.89 -25.00 -9.66
C LEU B 178 -5.54 -23.53 -9.57
N THR B 179 -6.07 -22.74 -10.48
CA THR B 179 -5.78 -21.30 -10.51
C THR B 179 -7.01 -20.40 -10.51
N SER B 180 -8.03 -20.77 -11.28
CA SER B 180 -9.24 -19.96 -11.34
C SER B 180 -9.96 -19.98 -9.99
N GLY B 181 -10.51 -18.82 -9.60
CA GLY B 181 -11.21 -18.72 -8.34
C GLY B 181 -10.28 -18.53 -7.15
N VAL B 182 -8.97 -18.56 -7.40
CA VAL B 182 -7.99 -18.38 -6.33
C VAL B 182 -7.69 -16.93 -6.03
N HIS B 183 -7.52 -16.63 -4.74
CA HIS B 183 -7.20 -15.28 -4.27
C HIS B 183 -6.25 -15.37 -3.09
N THR B 184 -4.98 -15.04 -3.32
CA THR B 184 -3.99 -15.06 -2.27
C THR B 184 -3.83 -13.60 -1.88
N PHE B 185 -4.20 -13.27 -0.65
CA PHE B 185 -4.14 -11.88 -0.21
C PHE B 185 -2.79 -11.42 0.27
N PRO B 186 -2.53 -10.11 0.17
CA PRO B 186 -1.24 -9.61 0.64
C PRO B 186 -1.17 -9.88 2.13
N ALA B 187 0.00 -10.26 2.62
CA ALA B 187 0.18 -10.54 4.04
C ALA B 187 0.01 -9.27 4.85
N VAL B 188 -0.27 -9.43 6.14
CA VAL B 188 -0.40 -8.30 7.04
C VAL B 188 0.65 -8.45 8.13
N LEU B 189 1.31 -7.36 8.49
CA LEU B 189 2.32 -7.39 9.53
C LEU B 189 1.60 -7.23 10.85
N GLN B 190 1.60 -8.29 11.64
CA GLN B 190 0.93 -8.29 12.94
C GLN B 190 1.70 -7.48 13.97
N SER B 191 1.00 -7.03 15.00
CA SER B 191 1.62 -6.25 16.06
C SER B 191 2.71 -7.07 16.73
N SER B 192 2.68 -8.38 16.53
CA SER B 192 3.67 -9.28 17.09
C SER B 192 4.99 -9.18 16.33
N GLY B 193 4.92 -8.63 15.12
CA GLY B 193 6.11 -8.52 14.30
C GLY B 193 6.18 -9.66 13.30
N LEU B 194 5.16 -10.51 13.31
CA LEU B 194 5.08 -11.65 12.41
C LEU B 194 4.02 -11.41 11.34
N TYR B 195 4.20 -12.05 10.18
CA TYR B 195 3.25 -11.92 9.09
C TYR B 195 2.21 -13.02 9.12
N SER B 196 1.09 -12.78 8.44
CA SER B 196 0.03 -13.76 8.32
C SER B 196 -0.78 -13.39 7.09
N LEU B 197 -1.11 -14.39 6.28
CA LEU B 197 -1.89 -14.15 5.08
C LEU B 197 -2.83 -15.30 4.84
N SER B 198 -3.83 -15.03 4.00
CA SER B 198 -4.81 -16.04 3.67
C SER B 198 -4.80 -16.25 2.17
N SER B 199 -5.15 -17.46 1.76
CA SER B 199 -5.24 -17.81 0.35
C SER B 199 -6.52 -18.61 0.27
N VAL B 200 -7.43 -18.18 -0.59
CA VAL B 200 -8.70 -18.87 -0.73
C VAL B 200 -8.99 -19.19 -2.19
N VAL B 201 -10.02 -19.99 -2.38
CA VAL B 201 -10.45 -20.37 -3.72
C VAL B 201 -11.95 -20.61 -3.64
N THR B 202 -12.67 -20.10 -4.63
CA THR B 202 -14.11 -20.26 -4.71
C THR B 202 -14.44 -21.23 -5.82
N VAL B 203 -15.44 -22.06 -5.59
CA VAL B 203 -15.85 -23.05 -6.58
C VAL B 203 -17.38 -23.14 -6.64
N PRO B 204 -17.91 -23.73 -7.73
CA PRO B 204 -19.35 -23.88 -7.93
C PRO B 204 -20.09 -24.48 -6.74
N SER B 205 -19.47 -25.48 -6.10
CA SER B 205 -20.01 -26.19 -4.94
C SER B 205 -20.14 -27.68 -5.21
N SER B 206 -20.52 -28.01 -6.45
CA SER B 206 -20.67 -29.42 -6.83
C SER B 206 -19.33 -30.15 -6.70
N SER B 207 -18.27 -29.53 -7.22
CA SER B 207 -16.93 -30.12 -7.17
C SER B 207 -16.43 -30.43 -5.77
N LEU B 208 -17.08 -29.85 -4.76
CA LEU B 208 -16.67 -30.09 -3.38
C LEU B 208 -16.68 -31.59 -3.09
N GLY B 209 -17.31 -32.35 -4.00
CA GLY B 209 -17.38 -33.79 -3.83
C GLY B 209 -16.52 -34.55 -4.81
N THR B 210 -16.21 -33.93 -5.95
CA THR B 210 -15.39 -34.59 -6.97
C THR B 210 -13.93 -34.16 -6.91
N GLN B 211 -13.70 -32.87 -6.76
CA GLN B 211 -12.36 -32.30 -6.69
C GLN B 211 -11.87 -32.08 -5.27
N THR B 212 -10.62 -32.44 -5.00
CA THR B 212 -10.01 -32.24 -3.68
C THR B 212 -9.16 -30.98 -3.75
N TYR B 213 -9.00 -30.30 -2.63
CA TYR B 213 -8.23 -29.06 -2.60
C TYR B 213 -7.09 -29.07 -1.60
N THR B 214 -5.89 -28.78 -2.08
CA THR B 214 -4.70 -28.73 -1.24
C THR B 214 -3.89 -27.47 -1.52
N CYS B 215 -3.57 -26.71 -0.47
CA CYS B 215 -2.79 -25.50 -0.64
C CYS B 215 -1.33 -25.84 -0.39
N ASN B 216 -0.47 -25.47 -1.33
CA ASN B 216 0.96 -25.73 -1.19
C ASN B 216 1.65 -24.48 -0.71
N VAL B 217 2.18 -24.53 0.52
CA VAL B 217 2.84 -23.38 1.11
C VAL B 217 4.34 -23.57 1.22
N ASN B 218 5.10 -22.54 0.82
CA ASN B 218 6.56 -22.59 0.89
C ASN B 218 7.16 -21.28 1.38
N HIS B 219 7.85 -21.35 2.51
CA HIS B 219 8.51 -20.19 3.11
C HIS B 219 10.01 -20.47 3.04
N LYS B 220 10.62 -20.13 1.91
CA LYS B 220 12.05 -20.38 1.69
C LYS B 220 12.96 -19.94 2.84
N PRO B 221 12.80 -18.70 3.33
CA PRO B 221 13.63 -18.18 4.42
C PRO B 221 13.76 -19.11 5.63
N SER B 222 12.74 -19.89 5.93
CA SER B 222 12.79 -20.80 7.06
C SER B 222 12.82 -22.27 6.65
N ASN B 223 12.88 -22.52 5.35
CA ASN B 223 12.90 -23.87 4.83
C ASN B 223 11.66 -24.64 5.30
N THR B 224 10.50 -24.01 5.17
CA THR B 224 9.25 -24.64 5.59
C THR B 224 8.32 -24.87 4.42
N LYS B 225 8.07 -26.14 4.10
CA LYS B 225 7.16 -26.49 3.02
C LYS B 225 6.01 -27.30 3.60
N VAL B 226 4.79 -26.90 3.27
CA VAL B 226 3.60 -27.57 3.78
C VAL B 226 2.50 -27.70 2.74
N ASP B 227 1.90 -28.90 2.68
CA ASP B 227 0.79 -29.15 1.78
C ASP B 227 -0.38 -29.54 2.70
N LYS B 228 -1.45 -28.76 2.68
CA LYS B 228 -2.59 -29.09 3.52
C LYS B 228 -3.86 -29.28 2.71
N ARG B 229 -4.39 -30.50 2.72
CA ARG B 229 -5.61 -30.80 2.00
C ARG B 229 -6.76 -30.20 2.80
N VAL B 230 -7.52 -29.33 2.15
CA VAL B 230 -8.63 -28.68 2.81
C VAL B 230 -9.95 -29.22 2.26
N GLU B 231 -10.71 -29.88 3.12
CA GLU B 231 -12.00 -30.42 2.72
C GLU B 231 -13.04 -29.67 3.53
N PRO B 232 -14.34 -29.87 3.24
CA PRO B 232 -15.35 -29.16 4.03
C PRO B 232 -15.11 -29.34 5.51
N LYS B 233 -15.81 -30.31 6.10
CA LYS B 233 -15.69 -30.62 7.52
C LYS B 233 -16.80 -31.61 7.89
N SER B 234 -16.92 -31.90 9.17
CA SER B 234 -17.93 -32.84 9.65
C SER B 234 -17.59 -34.23 9.11
N CYS B 235 -16.29 -34.52 9.05
CA CYS B 235 -15.77 -35.79 8.58
C CYS B 235 -15.86 -35.89 7.05
N GLU C 1 7.86 26.88 7.41
CA GLU C 1 8.39 28.12 6.80
C GLU C 1 8.34 28.02 5.27
N LEU C 2 8.66 29.11 4.59
CA LEU C 2 8.64 29.16 3.13
C LEU C 2 9.74 28.31 2.49
N ASP C 3 9.45 27.79 1.30
CA ASP C 3 10.40 26.97 0.56
C ASP C 3 11.66 27.75 0.22
N LYS C 4 12.73 27.04 -0.10
CA LYS C 4 14.00 27.66 -0.44
C LYS C 4 13.87 28.68 -1.57
N TRP C 5 13.00 28.40 -2.53
CA TRP C 5 12.85 29.29 -3.68
C TRP C 5 11.63 30.21 -3.69
N ALA C 6 10.91 30.28 -2.57
CA ALA C 6 9.73 31.13 -2.48
C ALA C 6 10.08 32.60 -2.33
N SER C 7 9.15 33.46 -2.70
CA SER C 7 9.30 34.91 -2.62
C SER C 7 10.19 35.47 -3.71
#